data_2Q36
#
_entry.id   2Q36
#
_cell.length_a   40.539
_cell.length_b   74.276
_cell.length_c   144.474
_cell.angle_alpha   90.000
_cell.angle_beta   90.000
_cell.angle_gamma   90.000
#
_symmetry.space_group_name_H-M   'P 21 21 21'
#
loop_
_entity.id
_entity.type
_entity.pdbx_description
1 polymer 'Actin, alpha skeletal muscle'
2 non-polymer 'CALCIUM ION'
3 non-polymer 'SULFATE ION'
4 non-polymer "ADENOSINE-5'-TRIPHOSPHATE"
5 non-polymer 'KABIRAMIDE C'
6 water water
#
_entity_poly.entity_id   1
_entity_poly.type   'polypeptide(L)'
_entity_poly.pdbx_seq_one_letter_code
;DEDETTALVCDNGSGLVKAGFAGDDAPRAVFPSIVGRPRHQGVMVGMGQKDSYVGDEAQSKRGILTLKYPIEHGIITNWD
DMEKIWHHTFYNELRVAPEEHPTLLTEAPLNPKANREKMTQIMFETFNVPAMYVAIQAVLSLYASGRTTGIVLDSGDGVT
HNVPIYEGYALPHAIMRLDLAGRDLTDYLMKILTERGYSFVTTAEREIVRDIKEKLCYVALDFENEMATAASSSSLEKSY
ELPDGQVITIGNERFRCPETLFQPSFIGMESAGIHETTYNSIMKCDIDIRKDLYANNVMSGGTTMYPGIADRMQKEITAL
APSTMKIKIIAPPERKYSVWIGGSILASLSTFQQMWITKQEYDEAGPSIVHRKCF
;
_entity_poly.pdbx_strand_id   A
#
loop_
_chem_comp.id
_chem_comp.type
_chem_comp.name
_chem_comp.formula
ATP non-polymer ADENOSINE-5'-TRIPHOSPHATE 'C10 H16 N5 O13 P3'
CA non-polymer 'CALCIUM ION' 'Ca 2'
KAB non-polymer 'KABIRAMIDE C' 'C48 H75 N5 O14'
SO4 non-polymer 'SULFATE ION' 'O4 S -2'
#
# COMPACT_ATOMS: atom_id res chain seq x y z
N GLU A 4 -23.86 -13.36 -13.62
CA GLU A 4 -24.82 -13.94 -12.63
C GLU A 4 -24.24 -13.94 -11.20
N THR A 5 -23.04 -14.52 -11.02
CA THR A 5 -22.39 -14.53 -9.70
C THR A 5 -21.33 -13.41 -9.60
N THR A 6 -21.31 -12.74 -8.45
CA THR A 6 -20.42 -11.62 -8.22
C THR A 6 -19.10 -12.10 -7.60
N ALA A 7 -17.98 -11.62 -8.16
CA ALA A 7 -16.67 -11.94 -7.63
C ALA A 7 -16.35 -10.96 -6.49
N LEU A 8 -15.59 -11.42 -5.50
CA LEU A 8 -15.12 -10.55 -4.43
C LEU A 8 -13.70 -10.10 -4.74
N VAL A 9 -13.34 -8.90 -4.29
CA VAL A 9 -11.97 -8.43 -4.41
C VAL A 9 -11.54 -8.10 -3.00
N CYS A 10 -10.41 -8.67 -2.58
CA CYS A 10 -9.87 -8.41 -1.26
C CYS A 10 -8.38 -8.03 -1.38
N ASP A 11 -8.09 -6.79 -1.00
CA ASP A 11 -6.73 -6.25 -1.01
C ASP A 11 -6.19 -6.18 0.41
N ASN A 12 -5.26 -7.08 0.70
CA ASN A 12 -4.68 -7.27 2.03
C ASN A 12 -3.44 -6.42 2.23
N GLY A 13 -3.58 -5.27 2.88
CA GLY A 13 -2.42 -4.41 3.12
C GLY A 13 -1.85 -4.51 4.53
N SER A 14 -0.62 -4.03 4.70
CA SER A 14 0.05 -4.03 6.00
C SER A 14 -0.71 -3.27 7.06
N GLY A 15 -1.37 -2.18 6.66
CA GLY A 15 -2.11 -1.33 7.58
C GLY A 15 -3.62 -1.45 7.45
N LEU A 16 -4.11 -1.52 6.22
CA LEU A 16 -5.55 -1.55 5.95
C LEU A 16 -5.92 -2.65 4.98
N VAL A 17 -7.06 -3.27 5.26
CA VAL A 17 -7.66 -4.24 4.37
C VAL A 17 -8.71 -3.48 3.58
N LYS A 18 -8.68 -3.61 2.26
CA LYS A 18 -9.68 -3.02 1.36
C LYS A 18 -10.42 -4.19 0.71
N ALA A 19 -11.74 -4.24 0.87
CA ALA A 19 -12.53 -5.35 0.32
C ALA A 19 -13.87 -4.91 -0.25
N GLY A 20 -14.36 -5.67 -1.22
CA GLY A 20 -15.62 -5.34 -1.84
C GLY A 20 -16.01 -6.28 -2.96
N PHE A 21 -16.84 -5.81 -3.87
CA PHE A 21 -17.37 -6.62 -4.97
C PHE A 21 -16.87 -6.16 -6.32
N ALA A 22 -16.44 -7.13 -7.13
CA ALA A 22 -15.93 -6.87 -8.46
C ALA A 22 -16.97 -6.10 -9.26
N GLY A 23 -16.55 -5.00 -9.89
CA GLY A 23 -17.44 -4.12 -10.64
C GLY A 23 -17.73 -2.81 -9.94
N ASP A 24 -17.66 -2.79 -8.61
CA ASP A 24 -17.88 -1.55 -7.88
C ASP A 24 -16.69 -0.61 -8.05
N ASP A 25 -16.93 0.68 -7.86
CA ASP A 25 -15.91 1.71 -8.08
C ASP A 25 -15.06 2.01 -6.84
N ALA A 26 -15.38 1.39 -5.72
CA ALA A 26 -14.61 1.55 -4.50
C ALA A 26 -14.86 0.37 -3.58
N PRO A 27 -13.91 0.11 -2.69
CA PRO A 27 -14.12 -0.98 -1.74
C PRO A 27 -15.23 -0.61 -0.77
N ARG A 28 -16.13 -1.56 -0.49
CA ARG A 28 -17.18 -1.32 0.47
C ARG A 28 -16.64 -1.34 1.91
N ALA A 29 -15.56 -2.10 2.12
CA ALA A 29 -14.96 -2.27 3.44
C ALA A 29 -13.50 -1.83 3.46
N VAL A 30 -13.15 -1.03 4.46
CA VAL A 30 -11.78 -0.57 4.69
C VAL A 30 -11.57 -0.52 6.20
N PHE A 31 -10.71 -1.39 6.71
CA PHE A 31 -10.50 -1.48 8.16
C PHE A 31 -9.08 -1.90 8.49
N PRO A 32 -8.62 -1.61 9.71
CA PRO A 32 -7.23 -1.94 10.04
C PRO A 32 -6.89 -3.45 10.08
N SER A 33 -5.69 -3.78 9.61
CA SER A 33 -5.24 -5.15 9.53
C SER A 33 -4.66 -5.56 10.86
N ILE A 34 -5.54 -5.68 11.84
CA ILE A 34 -5.16 -5.95 13.22
C ILE A 34 -6.01 -7.08 13.76
N VAL A 35 -5.37 -7.94 14.56
CA VAL A 35 -6.09 -8.99 15.26
C VAL A 35 -5.74 -8.88 16.75
N GLY A 36 -6.78 -8.89 17.59
CA GLY A 36 -6.63 -8.79 19.02
C GLY A 36 -7.03 -10.10 19.67
N ARG A 37 -6.20 -10.58 20.59
CA ARG A 37 -6.47 -11.81 21.32
C ARG A 37 -6.43 -11.53 22.82
N PRO A 38 -7.42 -12.07 23.58
CA PRO A 38 -7.50 -11.78 25.00
C PRO A 38 -6.24 -12.18 25.73
N ARG A 39 -5.64 -11.24 26.46
CA ARG A 39 -4.46 -11.54 27.28
C ARG A 39 -4.78 -12.66 28.28
N HIS A 40 -6.00 -12.64 28.82
CA HIS A 40 -6.45 -13.62 29.80
C HIS A 40 -7.70 -14.36 29.32
N LYS A 50 -15.18 -14.19 23.25
CA LYS A 50 -14.56 -14.31 21.93
C LYS A 50 -13.06 -14.56 22.07
N ASP A 51 -12.56 -15.53 21.32
CA ASP A 51 -11.12 -15.84 21.34
C ASP A 51 -10.31 -14.82 20.51
N SER A 52 -10.98 -13.98 19.73
CA SER A 52 -10.29 -12.99 18.88
C SER A 52 -11.16 -11.81 18.44
N TYR A 53 -10.50 -10.72 18.07
CA TYR A 53 -11.15 -9.49 17.62
C TYR A 53 -10.41 -8.87 16.45
N VAL A 54 -11.14 -8.25 15.54
CA VAL A 54 -10.54 -7.67 14.35
C VAL A 54 -10.73 -6.16 14.25
N GLY A 55 -9.80 -5.48 13.60
CA GLY A 55 -9.93 -4.07 13.23
C GLY A 55 -10.17 -3.05 14.34
N ASP A 56 -11.14 -2.18 14.08
CA ASP A 56 -11.49 -1.11 15.03
C ASP A 56 -11.94 -1.65 16.39
N GLU A 57 -12.59 -2.82 16.40
CA GLU A 57 -13.00 -3.43 17.65
C GLU A 57 -11.76 -3.86 18.45
N ALA A 58 -10.80 -4.49 17.78
CA ALA A 58 -9.55 -4.90 18.43
C ALA A 58 -8.84 -3.70 19.07
N GLN A 59 -8.78 -2.60 18.33
CA GLN A 59 -8.15 -1.37 18.82
C GLN A 59 -8.94 -0.73 19.94
N SER A 60 -10.25 -0.85 19.93
CA SER A 60 -11.06 -0.24 21.00
C SER A 60 -10.86 -1.00 22.32
N LYS A 61 -10.51 -2.28 22.20
CA LYS A 61 -10.28 -3.15 23.37
C LYS A 61 -8.78 -3.43 23.62
N ARG A 62 -7.91 -2.61 23.04
CA ARG A 62 -6.45 -2.77 23.18
C ARG A 62 -5.93 -2.90 24.61
N GLY A 63 -6.66 -2.32 25.57
CA GLY A 63 -6.25 -2.38 26.98
C GLY A 63 -6.26 -3.75 27.62
N ILE A 64 -7.03 -4.68 27.05
CA ILE A 64 -7.09 -6.08 27.53
C ILE A 64 -6.74 -7.10 26.45
N LEU A 65 -6.31 -6.65 25.28
CA LEU A 65 -5.97 -7.56 24.19
C LEU A 65 -4.50 -7.39 23.80
N THR A 66 -3.95 -8.43 23.17
CA THR A 66 -2.65 -8.35 22.53
C THR A 66 -2.93 -8.11 21.05
N LEU A 67 -2.48 -6.97 20.53
CA LEU A 67 -2.72 -6.60 19.14
C LEU A 67 -1.58 -7.10 18.27
N LYS A 68 -1.93 -7.64 17.10
CA LYS A 68 -0.94 -8.15 16.16
C LYS A 68 -1.29 -7.76 14.73
N TYR A 69 -0.27 -7.43 13.95
CA TYR A 69 -0.42 -7.15 12.54
C TYR A 69 0.05 -8.39 11.77
N PRO A 70 -0.89 -9.10 11.13
CA PRO A 70 -0.52 -10.33 10.41
C PRO A 70 0.21 -10.15 9.08
N ILE A 71 0.26 -8.93 8.56
CA ILE A 71 0.94 -8.66 7.30
C ILE A 71 2.04 -7.64 7.60
N GLU A 72 3.29 -8.05 7.42
CA GLU A 72 4.43 -7.18 7.68
C GLU A 72 5.13 -6.91 6.36
N HIS A 73 5.35 -5.62 6.08
CA HIS A 73 5.99 -5.18 4.85
C HIS A 73 5.31 -5.80 3.62
N GLY A 74 3.98 -5.87 3.67
CA GLY A 74 3.18 -6.40 2.57
C GLY A 74 3.08 -7.91 2.45
N ILE A 75 3.85 -8.64 3.26
CA ILE A 75 3.89 -10.11 3.24
C ILE A 75 3.15 -10.68 4.45
N ILE A 76 2.28 -11.65 4.21
CA ILE A 76 1.54 -12.30 5.29
C ILE A 76 2.49 -13.16 6.09
N THR A 77 2.56 -12.95 7.40
CA THR A 77 3.48 -13.71 8.25
C THR A 77 2.82 -14.45 9.41
N ASN A 78 1.56 -14.17 9.68
CA ASN A 78 0.82 -14.87 10.72
C ASN A 78 -0.48 -15.40 10.11
N TRP A 79 -0.49 -16.71 9.86
CA TRP A 79 -1.57 -17.32 9.11
C TRP A 79 -2.85 -17.53 9.90
N ASP A 80 -2.71 -17.86 11.18
CA ASP A 80 -3.90 -18.01 12.05
C ASP A 80 -4.67 -16.69 12.15
N ASP A 81 -3.96 -15.59 12.38
CA ASP A 81 -4.58 -14.27 12.49
C ASP A 81 -5.11 -13.76 11.16
N MET A 82 -4.46 -14.18 10.07
CA MET A 82 -4.93 -13.80 8.74
C MET A 82 -6.27 -14.48 8.43
N GLU A 83 -6.44 -15.74 8.82
CA GLU A 83 -7.73 -16.41 8.64
C GLU A 83 -8.84 -15.59 9.31
N LYS A 84 -8.53 -15.03 10.48
CA LYS A 84 -9.53 -14.27 11.22
C LYS A 84 -9.89 -12.98 10.52
N ILE A 85 -8.90 -12.34 9.90
CA ILE A 85 -9.14 -11.16 9.08
C ILE A 85 -10.05 -11.48 7.88
N TRP A 86 -9.76 -12.57 7.18
CA TRP A 86 -10.58 -12.96 6.04
C TRP A 86 -11.99 -13.36 6.49
N HIS A 87 -12.08 -14.09 7.60
CA HIS A 87 -13.36 -14.47 8.16
C HIS A 87 -14.21 -13.23 8.47
N HIS A 88 -13.60 -12.24 9.11
CA HIS A 88 -14.30 -11.00 9.43
C HIS A 88 -14.69 -10.26 8.15
N THR A 89 -13.82 -10.31 7.15
CA THR A 89 -14.05 -9.63 5.89
C THR A 89 -15.30 -10.20 5.21
N PHE A 90 -15.35 -11.52 5.08
CA PHE A 90 -16.47 -12.20 4.46
C PHE A 90 -17.78 -12.06 5.23
N TYR A 91 -17.76 -12.52 6.47
CA TYR A 91 -19.00 -12.65 7.23
C TYR A 91 -19.53 -11.36 7.81
N ASN A 92 -18.64 -10.46 8.24
CA ASN A 92 -19.07 -9.23 8.90
C ASN A 92 -19.03 -7.98 8.03
N GLU A 93 -17.93 -7.75 7.34
CA GLU A 93 -17.83 -6.54 6.52
C GLU A 93 -18.72 -6.63 5.28
N LEU A 94 -18.68 -7.76 4.59
CA LEU A 94 -19.41 -7.94 3.35
C LEU A 94 -20.71 -8.74 3.50
N ARG A 95 -20.84 -9.50 4.58
CA ARG A 95 -22.04 -10.33 4.80
C ARG A 95 -22.32 -11.26 3.62
N VAL A 96 -21.28 -11.92 3.13
CA VAL A 96 -21.44 -12.92 2.07
C VAL A 96 -21.09 -14.28 2.62
N ALA A 97 -21.39 -15.31 1.84
CA ALA A 97 -20.97 -16.67 2.14
C ALA A 97 -19.86 -16.95 1.13
N PRO A 98 -18.61 -17.09 1.59
CA PRO A 98 -17.47 -17.20 0.66
C PRO A 98 -17.56 -18.36 -0.35
N GLU A 99 -18.27 -19.42 -0.01
CA GLU A 99 -18.43 -20.57 -0.90
C GLU A 99 -19.26 -20.28 -2.16
N GLU A 100 -19.84 -19.09 -2.25
CA GLU A 100 -20.65 -18.70 -3.42
C GLU A 100 -19.99 -17.68 -4.35
N HIS A 101 -18.81 -17.18 -4.00
CA HIS A 101 -18.16 -16.13 -4.79
C HIS A 101 -16.72 -16.43 -5.22
N PRO A 102 -16.42 -16.31 -6.52
CA PRO A 102 -15.02 -16.35 -6.89
C PRO A 102 -14.34 -15.21 -6.15
N THR A 103 -13.11 -15.43 -5.68
CA THR A 103 -12.42 -14.43 -4.86
C THR A 103 -11.02 -14.09 -5.36
N LEU A 104 -10.82 -12.82 -5.69
CA LEU A 104 -9.53 -12.33 -6.16
C LEU A 104 -8.80 -11.73 -4.97
N LEU A 105 -7.64 -12.28 -4.64
CA LEU A 105 -6.79 -11.79 -3.55
C LEU A 105 -5.57 -11.08 -4.14
N THR A 106 -5.01 -10.15 -3.38
CA THR A 106 -3.83 -9.42 -3.84
C THR A 106 -2.61 -9.84 -2.99
N GLU A 107 -1.43 -9.70 -3.58
CA GLU A 107 -0.19 -10.03 -2.90
C GLU A 107 0.82 -8.95 -3.24
N ALA A 108 1.85 -8.84 -2.40
CA ALA A 108 2.89 -7.87 -2.64
C ALA A 108 3.87 -8.41 -3.66
N PRO A 109 4.56 -7.51 -4.38
CA PRO A 109 5.65 -7.92 -5.27
C PRO A 109 6.69 -8.72 -4.50
N LEU A 110 7.29 -9.69 -5.17
CA LEU A 110 8.32 -10.56 -4.58
C LEU A 110 7.78 -11.44 -3.43
N ASN A 111 6.49 -11.73 -3.45
CA ASN A 111 5.88 -12.63 -2.48
C ASN A 111 6.38 -14.04 -2.78
N PRO A 112 6.95 -14.74 -1.78
CA PRO A 112 7.44 -16.11 -2.03
C PRO A 112 6.35 -17.05 -2.58
N LYS A 113 6.74 -17.95 -3.49
CA LYS A 113 5.80 -18.93 -4.01
C LYS A 113 5.04 -19.69 -2.89
N ALA A 114 5.76 -20.15 -1.88
CA ALA A 114 5.17 -20.89 -0.75
C ALA A 114 4.05 -20.10 -0.08
N ASN A 115 4.24 -18.80 -0.01
CA ASN A 115 3.30 -17.89 0.62
C ASN A 115 1.99 -17.82 -0.18
N ARG A 116 2.11 -17.76 -1.51
CA ARG A 116 0.96 -17.76 -2.41
C ARG A 116 0.21 -19.09 -2.37
N GLU A 117 0.95 -20.19 -2.18
CA GLU A 117 0.31 -21.51 -2.08
C GLU A 117 -0.51 -21.64 -0.79
N LYS A 118 -0.02 -21.04 0.29
CA LYS A 118 -0.70 -21.10 1.57
C LYS A 118 -2.01 -20.30 1.50
N MET A 119 -1.99 -19.16 0.81
CA MET A 119 -3.20 -18.35 0.62
C MET A 119 -4.23 -19.17 -0.15
N THR A 120 -3.75 -19.85 -1.17
CA THR A 120 -4.59 -20.68 -2.02
C THR A 120 -5.22 -21.80 -1.24
N GLN A 121 -4.42 -22.47 -0.40
CA GLN A 121 -4.90 -23.57 0.44
C GLN A 121 -5.99 -23.11 1.41
N ILE A 122 -5.76 -22.00 2.11
CA ILE A 122 -6.74 -21.46 3.06
C ILE A 122 -8.06 -21.10 2.35
N MET A 123 -7.98 -20.37 1.25
CA MET A 123 -9.20 -20.00 0.52
C MET A 123 -10.04 -21.22 0.15
N PHE A 124 -9.40 -22.24 -0.41
CA PHE A 124 -10.10 -23.47 -0.82
C PHE A 124 -10.49 -24.41 0.32
N GLU A 125 -9.57 -24.65 1.26
CA GLU A 125 -9.83 -25.63 2.31
C GLU A 125 -10.54 -25.10 3.55
N THR A 126 -10.36 -23.82 3.88
CA THR A 126 -11.01 -23.25 5.06
C THR A 126 -12.28 -22.46 4.70
N PHE A 127 -12.24 -21.67 3.63
CA PHE A 127 -13.41 -20.87 3.22
C PHE A 127 -14.18 -21.50 2.07
N ASN A 128 -13.68 -22.60 1.52
CA ASN A 128 -14.38 -23.35 0.49
C ASN A 128 -14.82 -22.49 -0.72
N VAL A 129 -13.96 -21.59 -1.18
CA VAL A 129 -14.29 -20.75 -2.34
C VAL A 129 -14.39 -21.62 -3.60
N PRO A 130 -15.28 -21.24 -4.55
CA PRO A 130 -15.45 -22.00 -5.77
C PRO A 130 -14.32 -21.79 -6.78
N ALA A 131 -13.70 -20.61 -6.71
CA ALA A 131 -12.58 -20.27 -7.58
C ALA A 131 -11.90 -19.01 -7.03
N MET A 132 -10.61 -18.85 -7.33
CA MET A 132 -9.87 -17.69 -6.82
C MET A 132 -8.66 -17.35 -7.67
N TYR A 133 -8.03 -16.24 -7.34
CA TYR A 133 -6.89 -15.75 -8.08
C TYR A 133 -6.07 -14.81 -7.21
N VAL A 134 -4.76 -14.82 -7.42
CA VAL A 134 -3.86 -13.94 -6.70
C VAL A 134 -3.16 -13.04 -7.70
N ALA A 135 -3.30 -11.74 -7.51
CA ALA A 135 -2.73 -10.75 -8.39
C ALA A 135 -1.76 -9.85 -7.62
N ILE A 136 -0.74 -9.35 -8.33
CA ILE A 136 0.25 -8.47 -7.74
C ILE A 136 -0.35 -7.08 -7.62
N GLN A 137 -0.27 -6.49 -6.43
CA GLN A 137 -0.94 -5.22 -6.13
C GLN A 137 -0.59 -4.09 -7.11
N ALA A 138 0.70 -3.88 -7.33
CA ALA A 138 1.17 -2.81 -8.21
C ALA A 138 0.64 -2.97 -9.63
N VAL A 139 0.53 -4.21 -10.11
CA VAL A 139 0.05 -4.47 -11.46
C VAL A 139 -1.41 -4.03 -11.59
N LEU A 140 -2.20 -4.31 -10.55
CA LEU A 140 -3.58 -3.87 -10.48
C LEU A 140 -3.69 -2.34 -10.55
N SER A 141 -2.85 -1.64 -9.79
CA SER A 141 -2.87 -0.19 -9.83
C SER A 141 -2.67 0.35 -11.24
N LEU A 142 -1.76 -0.27 -11.99
CA LEU A 142 -1.49 0.17 -13.37
C LEU A 142 -2.76 0.03 -14.19
N TYR A 143 -3.39 -1.15 -14.11
CA TYR A 143 -4.64 -1.41 -14.80
C TYR A 143 -5.69 -0.34 -14.47
N ALA A 144 -5.76 0.05 -13.21
CA ALA A 144 -6.74 1.05 -12.76
C ALA A 144 -6.48 2.41 -13.37
N SER A 145 -5.29 2.63 -13.92
CA SER A 145 -4.97 3.88 -14.62
C SER A 145 -5.18 3.76 -16.13
N GLY A 146 -5.72 2.61 -16.58
CA GLY A 146 -5.98 2.38 -17.99
C GLY A 146 -4.76 1.95 -18.81
N ARG A 147 -3.77 1.35 -18.18
CA ARG A 147 -2.54 0.97 -18.88
C ARG A 147 -2.14 -0.47 -18.59
N THR A 148 -1.50 -1.11 -19.57
CA THR A 148 -0.93 -2.44 -19.37
C THR A 148 0.60 -2.39 -19.47
N THR A 149 1.15 -1.22 -19.82
CA THR A 149 2.58 -1.00 -19.79
C THR A 149 2.93 0.29 -19.02
N GLY A 150 3.86 0.18 -18.08
CA GLY A 150 4.29 1.33 -17.28
C GLY A 150 5.07 0.89 -16.06
N ILE A 151 5.48 1.86 -15.23
CA ILE A 151 6.19 1.57 -14.00
C ILE A 151 5.44 2.19 -12.81
N VAL A 152 5.08 1.37 -11.83
CA VAL A 152 4.33 1.83 -10.68
C VAL A 152 5.20 2.02 -9.46
N LEU A 153 5.01 3.14 -8.76
CA LEU A 153 5.56 3.32 -7.42
C LEU A 153 4.38 3.03 -6.50
N ASP A 154 4.48 2.00 -5.66
CA ASP A 154 3.38 1.65 -4.75
C ASP A 154 3.90 1.79 -3.33
N SER A 155 3.35 2.75 -2.58
CA SER A 155 3.79 3.01 -1.20
C SER A 155 2.58 3.05 -0.28
N GLY A 156 2.57 2.17 0.71
CA GLY A 156 1.47 2.04 1.63
C GLY A 156 1.87 2.37 3.06
N ASP A 157 1.45 1.53 3.99
CA ASP A 157 1.76 1.73 5.40
C ASP A 157 3.03 0.96 5.79
N GLY A 158 3.31 -0.14 5.11
CA GLY A 158 4.40 -1.03 5.50
C GLY A 158 5.58 -1.18 4.56
N VAL A 159 5.36 -1.03 3.25
CA VAL A 159 6.43 -1.23 2.27
C VAL A 159 6.25 -0.34 1.03
N THR A 160 7.36 -0.09 0.33
CA THR A 160 7.34 0.65 -0.92
C THR A 160 8.04 -0.16 -2.00
N HIS A 161 7.43 -0.20 -3.18
CA HIS A 161 8.00 -0.93 -4.31
C HIS A 161 7.93 -0.12 -5.60
N ASN A 162 8.87 -0.42 -6.49
CA ASN A 162 8.82 0.03 -7.86
C ASN A 162 8.62 -1.24 -8.67
N VAL A 163 7.57 -1.30 -9.47
CA VAL A 163 7.28 -2.47 -10.29
C VAL A 163 7.09 -2.08 -11.76
N PRO A 164 8.08 -2.38 -12.61
CA PRO A 164 7.94 -2.11 -14.02
C PRO A 164 7.09 -3.23 -14.64
N ILE A 165 6.17 -2.83 -15.52
CA ILE A 165 5.17 -3.72 -16.08
C ILE A 165 5.15 -3.55 -17.61
N TYR A 166 5.16 -4.67 -18.34
CA TYR A 166 5.19 -4.62 -19.80
C TYR A 166 4.17 -5.56 -20.39
N GLU A 167 3.26 -5.01 -21.20
CA GLU A 167 2.16 -5.77 -21.82
C GLU A 167 1.36 -6.62 -20.81
N GLY A 168 1.03 -6.01 -19.67
CA GLY A 168 0.23 -6.64 -18.63
C GLY A 168 0.98 -7.39 -17.53
N TYR A 169 2.29 -7.59 -17.68
CA TYR A 169 3.02 -8.41 -16.74
C TYR A 169 4.21 -7.73 -16.11
N ALA A 170 4.36 -7.91 -14.80
CA ALA A 170 5.45 -7.35 -14.05
C ALA A 170 6.74 -8.03 -14.47
N LEU A 171 7.84 -7.29 -14.47
CA LEU A 171 9.17 -7.81 -14.78
C LEU A 171 9.88 -7.98 -13.43
N PRO A 172 9.76 -9.18 -12.82
CA PRO A 172 10.27 -9.36 -11.45
C PRO A 172 11.75 -9.04 -11.23
N HIS A 173 12.60 -9.26 -12.23
CA HIS A 173 14.05 -8.96 -12.08
C HIS A 173 14.35 -7.47 -11.85
N ALA A 174 13.47 -6.57 -12.26
CA ALA A 174 13.71 -5.12 -12.14
C ALA A 174 12.88 -4.45 -11.03
N ILE A 175 12.21 -5.26 -10.20
CA ILE A 175 11.45 -4.74 -9.07
C ILE A 175 12.43 -4.27 -8.00
N MET A 176 12.20 -3.07 -7.48
CA MET A 176 12.99 -2.51 -6.38
C MET A 176 12.08 -2.36 -5.17
N ARG A 177 12.66 -2.51 -3.98
CA ARG A 177 11.92 -2.44 -2.73
C ARG A 177 12.60 -1.53 -1.71
N LEU A 178 11.79 -0.76 -1.00
CA LEU A 178 12.25 0.14 0.05
C LEU A 178 11.41 -0.21 1.28
N ASP A 179 12.07 -0.74 2.33
CA ASP A 179 11.39 -1.17 3.56
C ASP A 179 11.05 0.02 4.46
N LEU A 180 10.34 0.98 3.88
CA LEU A 180 10.02 2.21 4.54
C LEU A 180 8.74 2.70 3.90
N ALA A 181 7.74 2.99 4.72
CA ALA A 181 6.48 3.51 4.20
C ALA A 181 5.77 4.39 5.26
N GLY A 182 4.43 4.42 5.22
CA GLY A 182 3.66 5.34 6.05
C GLY A 182 3.82 5.22 7.55
N ARG A 183 3.88 3.99 8.04
CA ARG A 183 4.07 3.70 9.46
C ARG A 183 5.38 4.34 9.96
N ASP A 184 6.45 4.16 9.19
CA ASP A 184 7.75 4.75 9.50
C ASP A 184 7.72 6.28 9.47
N LEU A 185 6.93 6.86 8.57
CA LEU A 185 6.83 8.32 8.48
C LEU A 185 6.07 8.85 9.70
N THR A 186 5.02 8.14 10.09
CA THR A 186 4.26 8.47 11.29
C THR A 186 5.16 8.36 12.53
N ASP A 187 5.96 7.28 12.61
CA ASP A 187 6.88 7.09 13.75
C ASP A 187 7.86 8.24 13.83
N TYR A 188 8.42 8.63 12.68
CA TYR A 188 9.36 9.73 12.60
C TYR A 188 8.70 11.03 13.06
N LEU A 189 7.48 11.29 12.61
CA LEU A 189 6.77 12.51 13.04
C LEU A 189 6.47 12.46 14.55
N MET A 190 6.22 11.27 15.10
CA MET A 190 6.00 11.12 16.54
C MET A 190 7.28 11.47 17.30
N LYS A 191 8.40 11.00 16.79
CA LYS A 191 9.69 11.18 17.43
C LYS A 191 10.14 12.64 17.42
N ILE A 192 9.92 13.32 16.30
CA ILE A 192 10.25 14.75 16.15
C ILE A 192 9.44 15.64 17.08
N LEU A 193 8.13 15.43 17.10
CA LEU A 193 7.24 16.25 17.94
C LEU A 193 7.52 15.99 19.42
N THR A 194 7.87 14.76 19.77
CA THR A 194 8.17 14.39 21.16
C THR A 194 9.45 15.08 21.65
N GLU A 195 10.47 15.12 20.81
CA GLU A 195 11.70 15.81 21.16
C GLU A 195 11.43 17.29 21.40
N ARG A 196 10.45 17.82 20.67
CA ARG A 196 10.06 19.21 20.79
C ARG A 196 9.27 19.57 22.07
N GLY A 197 9.05 18.59 22.96
CA GLY A 197 8.41 18.85 24.24
C GLY A 197 7.07 18.17 24.41
N TYR A 198 6.45 17.82 23.29
CA TYR A 198 5.17 17.14 23.32
C TYR A 198 5.45 15.67 23.58
N SER A 199 4.40 14.92 23.93
CA SER A 199 4.56 13.50 24.14
C SER A 199 3.55 12.78 23.28
N PHE A 200 4.06 12.05 22.30
CA PHE A 200 3.24 11.20 21.45
C PHE A 200 3.84 9.81 21.50
N VAL A 201 3.23 8.94 22.29
CA VAL A 201 3.75 7.59 22.53
C VAL A 201 2.68 6.51 22.41
N THR A 202 1.56 6.70 23.11
CA THR A 202 0.46 5.71 23.11
C THR A 202 -0.14 5.52 21.71
N THR A 203 -0.96 4.48 21.52
CA THR A 203 -1.55 4.26 20.20
C THR A 203 -2.59 5.35 19.90
N ALA A 204 -3.27 5.84 20.94
CA ALA A 204 -4.19 6.97 20.80
C ALA A 204 -3.45 8.21 20.27
N GLU A 205 -2.25 8.45 20.81
CA GLU A 205 -1.42 9.56 20.38
C GLU A 205 -0.83 9.34 18.98
N ARG A 206 -0.59 8.08 18.62
CA ARG A 206 -0.13 7.76 17.27
C ARG A 206 -1.22 8.12 16.25
N GLU A 207 -2.49 7.91 16.60
CA GLU A 207 -3.58 8.24 15.67
C GLU A 207 -3.64 9.75 15.45
N ILE A 208 -3.31 10.52 16.49
CA ILE A 208 -3.27 11.97 16.38
C ILE A 208 -2.14 12.37 15.40
N VAL A 209 -0.97 11.77 15.54
CA VAL A 209 0.17 12.11 14.66
C VAL A 209 -0.10 11.67 13.22
N ARG A 210 -0.68 10.49 13.04
CA ARG A 210 -1.05 10.06 11.70
C ARG A 210 -1.96 11.09 11.06
N ASP A 211 -2.94 11.59 11.80
CA ASP A 211 -3.84 12.63 11.29
C ASP A 211 -3.07 13.92 10.91
N ILE A 212 -2.11 14.32 11.75
CA ILE A 212 -1.28 15.51 11.46
C ILE A 212 -0.50 15.32 10.16
N LYS A 213 0.08 14.14 10.00
CA LYS A 213 0.83 13.77 8.80
C LYS A 213 -0.04 13.90 7.55
N GLU A 214 -1.24 13.31 7.62
CA GLU A 214 -2.13 13.28 6.48
C GLU A 214 -2.69 14.64 6.13
N LYS A 215 -2.90 15.48 7.13
CA LYS A 215 -3.51 16.79 6.91
C LYS A 215 -2.51 17.90 6.58
N LEU A 216 -1.33 17.88 7.21
CA LEU A 216 -0.39 19.02 7.11
C LEU A 216 0.94 18.75 6.39
N CYS A 217 1.34 17.51 6.23
CA CYS A 217 2.62 17.24 5.57
C CYS A 217 2.56 17.38 4.05
N TYR A 218 3.69 17.70 3.45
CA TYR A 218 3.80 17.80 2.01
C TYR A 218 5.25 17.58 1.59
N VAL A 219 5.44 17.30 0.30
CA VAL A 219 6.75 17.08 -0.26
C VAL A 219 7.21 18.36 -0.90
N ALA A 220 8.38 18.85 -0.44
CA ALA A 220 8.97 20.08 -0.95
C ALA A 220 9.51 19.85 -2.34
N LEU A 221 9.39 20.85 -3.22
CA LEU A 221 9.94 20.74 -4.58
C LEU A 221 11.45 20.74 -4.52
N ASP A 222 11.99 21.67 -3.72
CA ASP A 222 13.42 21.75 -3.44
C ASP A 222 13.61 21.77 -1.93
N PHE A 223 14.00 20.63 -1.37
CA PHE A 223 14.12 20.47 0.08
C PHE A 223 14.98 21.54 0.72
N GLU A 224 16.12 21.84 0.12
CA GLU A 224 17.07 22.81 0.65
C GLU A 224 16.53 24.25 0.65
N ASN A 225 15.80 24.64 -0.39
CA ASN A 225 15.16 25.96 -0.43
C ASN A 225 14.06 26.06 0.61
N GLU A 226 13.34 24.97 0.80
CA GLU A 226 12.24 24.94 1.76
C GLU A 226 12.78 25.10 3.19
N MET A 227 13.87 24.40 3.50
CA MET A 227 14.51 24.50 4.82
C MET A 227 14.96 25.93 5.09
N ALA A 228 15.50 26.59 4.06
CA ALA A 228 15.91 28.00 4.13
C ALA A 228 14.71 28.92 4.40
N THR A 229 13.61 28.71 3.68
CA THR A 229 12.39 29.50 3.88
C THR A 229 11.88 29.32 5.31
N ALA A 230 11.82 28.07 5.76
CA ALA A 230 11.37 27.74 7.13
C ALA A 230 12.26 28.38 8.21
N ALA A 231 13.54 28.52 7.91
CA ALA A 231 14.49 29.11 8.86
C ALA A 231 14.41 30.64 8.92
N SER A 232 13.92 31.25 7.85
CA SER A 232 13.91 32.71 7.75
C SER A 232 12.53 33.36 7.81
N SER A 233 11.49 32.55 7.89
CA SER A 233 10.12 33.09 8.05
C SER A 233 9.18 32.02 8.56
N SER A 234 8.00 32.45 8.97
CA SER A 234 6.97 31.54 9.46
C SER A 234 5.88 31.30 8.40
N SER A 235 6.17 31.64 7.14
CA SER A 235 5.20 31.51 6.05
C SER A 235 4.74 30.07 5.78
N LEU A 236 5.51 29.08 6.23
CA LEU A 236 5.17 27.66 6.02
C LEU A 236 4.55 27.01 7.25
N GLU A 237 4.35 27.78 8.31
CA GLU A 237 3.81 27.23 9.55
C GLU A 237 2.30 26.96 9.49
N LYS A 238 1.88 25.84 10.06
CA LYS A 238 0.48 25.49 10.16
C LYS A 238 0.21 25.06 11.59
N SER A 239 -1.02 25.30 12.05
CA SER A 239 -1.41 24.95 13.40
C SER A 239 -2.41 23.80 13.40
N TYR A 240 -2.30 22.94 14.41
CA TYR A 240 -3.19 21.80 14.56
C TYR A 240 -3.68 21.77 16.00
N GLU A 241 -4.99 21.64 16.17
CA GLU A 241 -5.61 21.58 17.49
C GLU A 241 -5.75 20.13 17.93
N LEU A 242 -5.17 19.80 19.09
CA LEU A 242 -5.26 18.46 19.68
C LEU A 242 -6.66 18.25 20.29
N PRO A 243 -7.04 16.98 20.56
CA PRO A 243 -8.36 16.73 21.17
C PRO A 243 -8.62 17.44 22.49
N ASP A 244 -7.58 17.65 23.30
CA ASP A 244 -7.73 18.37 24.58
C ASP A 244 -7.81 19.90 24.43
N GLY A 245 -7.87 20.40 23.19
CA GLY A 245 -7.95 21.85 22.92
C GLY A 245 -6.60 22.54 22.75
N GLN A 246 -5.54 21.84 23.18
CA GLN A 246 -4.16 22.34 23.08
C GLN A 246 -3.70 22.45 21.62
N VAL A 247 -2.93 23.49 21.31
CA VAL A 247 -2.51 23.74 19.93
C VAL A 247 -1.01 23.52 19.74
N ILE A 248 -0.67 22.86 18.64
CA ILE A 248 0.69 22.57 18.27
C ILE A 248 0.88 23.13 16.86
N THR A 249 2.00 23.83 16.65
CA THR A 249 2.30 24.45 15.37
C THR A 249 3.52 23.75 14.78
N ILE A 250 3.49 23.38 13.50
CA ILE A 250 4.67 22.79 12.84
C ILE A 250 5.10 23.60 11.61
N GLY A 251 6.41 23.61 11.34
CA GLY A 251 6.98 24.31 10.20
C GLY A 251 7.69 23.34 9.29
N ASN A 252 9.01 23.23 9.42
CA ASN A 252 9.77 22.29 8.60
C ASN A 252 9.44 20.81 8.85
N GLU A 253 8.76 20.50 9.97
CA GLU A 253 8.32 19.13 10.22
C GLU A 253 7.36 18.68 9.12
N ARG A 254 6.56 19.62 8.61
CA ARG A 254 5.58 19.32 7.57
C ARG A 254 6.19 18.65 6.35
N PHE A 255 7.39 19.06 5.95
CA PHE A 255 8.02 18.48 4.76
C PHE A 255 9.26 17.64 5.04
N ARG A 256 9.86 17.76 6.23
CA ARG A 256 10.99 16.89 6.59
C ARG A 256 10.51 15.45 6.73
N CYS A 257 9.26 15.29 7.18
CA CYS A 257 8.68 13.97 7.38
C CYS A 257 8.66 13.17 6.08
N PRO A 258 7.86 13.57 5.08
CA PRO A 258 7.87 12.82 3.80
C PRO A 258 9.18 12.90 2.98
N GLU A 259 10.06 13.86 3.28
CA GLU A 259 11.38 13.94 2.62
C GLU A 259 12.13 12.63 2.82
N THR A 260 11.86 11.97 3.95
CA THR A 260 12.44 10.68 4.28
C THR A 260 12.28 9.67 3.12
N LEU A 261 11.18 9.78 2.37
CA LEU A 261 10.95 8.92 1.20
C LEU A 261 12.08 9.07 0.19
N PHE A 262 12.55 10.30 0.02
CA PHE A 262 13.65 10.60 -0.89
C PHE A 262 15.00 10.49 -0.22
N GLN A 263 15.05 10.62 1.10
CA GLN A 263 16.30 10.50 1.87
C GLN A 263 16.10 9.60 3.10
N PRO A 264 16.18 8.27 2.89
CA PRO A 264 16.00 7.30 3.97
C PRO A 264 16.99 7.44 5.12
N SER A 265 18.12 8.11 4.89
CA SER A 265 19.08 8.38 5.96
C SER A 265 18.46 9.21 7.08
N PHE A 266 17.34 9.88 6.81
CA PHE A 266 16.64 10.66 7.86
C PHE A 266 16.19 9.79 9.03
N ILE A 267 15.98 8.49 8.79
CA ILE A 267 15.63 7.55 9.87
C ILE A 267 16.68 6.46 10.05
N GLY A 268 17.92 6.75 9.64
CA GLY A 268 19.03 5.82 9.78
C GLY A 268 19.11 4.67 8.80
N MET A 269 18.45 4.77 7.64
CA MET A 269 18.53 3.73 6.60
C MET A 269 19.49 4.11 5.48
N GLU A 270 20.38 3.19 5.11
CA GLU A 270 21.34 3.41 4.03
C GLU A 270 20.74 3.34 2.62
N SER A 271 19.50 2.87 2.52
CA SER A 271 18.81 2.68 1.24
C SER A 271 18.68 3.90 0.33
N ALA A 272 18.38 3.58 -0.93
CA ALA A 272 18.13 4.58 -1.95
C ALA A 272 16.71 5.16 -1.80
N GLY A 273 16.56 6.42 -2.16
CA GLY A 273 15.26 7.09 -2.11
C GLY A 273 14.35 6.65 -3.23
N ILE A 274 13.06 6.95 -3.11
CA ILE A 274 12.05 6.50 -4.07
C ILE A 274 12.32 6.97 -5.49
N HIS A 275 12.96 8.12 -5.62
CA HIS A 275 13.38 8.61 -6.95
C HIS A 275 14.51 7.75 -7.53
N GLU A 276 15.46 7.31 -6.71
CA GLU A 276 16.57 6.49 -7.19
C GLU A 276 16.12 5.08 -7.52
N THR A 277 15.32 4.46 -6.64
CA THR A 277 14.75 3.13 -6.91
C THR A 277 13.91 3.15 -8.20
N THR A 278 13.23 4.26 -8.48
CA THR A 278 12.43 4.39 -9.70
C THR A 278 13.34 4.34 -10.92
N TYR A 279 14.34 5.21 -10.95
CA TYR A 279 15.32 5.24 -12.02
C TYR A 279 16.07 3.91 -12.14
N ASN A 280 16.50 3.34 -11.02
CA ASN A 280 17.21 2.06 -11.04
C ASN A 280 16.38 0.90 -11.63
N SER A 281 15.09 0.90 -11.36
CA SER A 281 14.17 -0.11 -11.88
C SER A 281 14.10 -0.02 -13.41
N ILE A 282 13.81 1.20 -13.88
CA ILE A 282 13.80 1.47 -15.31
C ILE A 282 15.12 1.04 -15.94
N MET A 283 16.24 1.31 -15.28
CA MET A 283 17.57 0.99 -15.84
C MET A 283 17.90 -0.49 -15.84
N LYS A 284 17.20 -1.27 -15.01
CA LYS A 284 17.33 -2.72 -15.08
C LYS A 284 16.45 -3.33 -16.17
N CYS A 285 15.54 -2.54 -16.72
CA CYS A 285 14.65 -3.03 -17.78
C CYS A 285 15.28 -2.93 -19.14
N ASP A 286 14.75 -3.71 -20.09
CA ASP A 286 15.22 -3.70 -21.47
C ASP A 286 15.34 -2.27 -21.96
N ILE A 287 16.48 -1.93 -22.53
CA ILE A 287 16.73 -0.60 -23.06
C ILE A 287 15.63 -0.14 -24.02
N ASP A 288 15.05 -1.08 -24.77
CA ASP A 288 14.04 -0.77 -25.79
C ASP A 288 12.65 -0.44 -25.24
N ILE A 289 12.40 -0.66 -23.96
CA ILE A 289 11.10 -0.31 -23.37
C ILE A 289 11.17 0.81 -22.33
N ARG A 290 12.36 1.36 -22.07
CA ARG A 290 12.53 2.42 -21.06
C ARG A 290 11.75 3.69 -21.38
N LYS A 291 11.71 4.04 -22.67
CA LYS A 291 10.99 5.23 -23.16
C LYS A 291 9.54 5.20 -22.68
N ASP A 292 8.92 4.03 -22.79
CA ASP A 292 7.54 3.81 -22.40
C ASP A 292 7.38 3.84 -20.88
N LEU A 293 8.37 3.35 -20.15
CA LEU A 293 8.34 3.38 -18.68
C LEU A 293 8.45 4.81 -18.15
N TYR A 294 9.41 5.58 -18.66
CA TYR A 294 9.58 6.99 -18.28
C TYR A 294 8.30 7.81 -18.51
N ALA A 295 7.60 7.50 -19.59
CA ALA A 295 6.37 8.20 -19.98
C ALA A 295 5.13 7.73 -19.21
N ASN A 296 5.28 6.69 -18.37
CA ASN A 296 4.15 6.09 -17.67
C ASN A 296 4.45 5.68 -16.21
N ASN A 297 4.90 6.66 -15.42
CA ASN A 297 5.13 6.46 -13.99
C ASN A 297 3.84 6.63 -13.26
N VAL A 298 3.26 5.54 -12.77
CA VAL A 298 2.00 5.64 -12.02
C VAL A 298 2.27 5.53 -10.51
N MET A 299 1.66 6.44 -9.75
CA MET A 299 1.77 6.40 -8.30
C MET A 299 0.50 5.78 -7.70
N SER A 300 0.72 4.99 -6.66
CA SER A 300 -0.32 4.19 -6.04
C SER A 300 -0.05 4.09 -4.54
N GLY A 301 -1.13 4.06 -3.75
CA GLY A 301 -1.03 3.87 -2.31
C GLY A 301 -1.09 5.15 -1.50
N GLY A 302 -1.49 5.01 -0.24
CA GLY A 302 -1.70 6.15 0.64
C GLY A 302 -0.50 7.03 0.87
N THR A 303 0.69 6.45 0.88
CA THR A 303 1.89 7.23 1.14
C THR A 303 2.32 8.07 -0.08
N THR A 304 1.64 7.89 -1.22
CA THR A 304 1.87 8.77 -2.37
C THR A 304 0.86 9.95 -2.38
N MET A 305 0.06 10.09 -1.33
CA MET A 305 -0.94 11.17 -1.27
C MET A 305 -0.42 12.58 -0.90
N TYR A 306 0.84 12.69 -0.52
CA TYR A 306 1.41 13.99 -0.14
C TYR A 306 1.34 14.99 -1.27
N PRO A 307 0.79 16.20 -1.00
CA PRO A 307 0.86 17.26 -2.01
C PRO A 307 2.32 17.53 -2.37
N GLY A 308 2.60 17.74 -3.65
CA GLY A 308 3.96 18.00 -4.13
C GLY A 308 4.78 16.79 -4.62
N ILE A 309 4.33 15.57 -4.31
CA ILE A 309 5.13 14.37 -4.61
C ILE A 309 5.35 14.13 -6.11
N ALA A 310 4.33 14.36 -6.93
CA ALA A 310 4.44 14.18 -8.39
C ALA A 310 5.45 15.13 -9.03
N ASP A 311 5.34 16.42 -8.70
CA ASP A 311 6.26 17.43 -9.21
C ASP A 311 7.69 17.16 -8.77
N ARG A 312 7.86 16.72 -7.53
CA ARG A 312 9.17 16.37 -7.02
C ARG A 312 9.75 15.16 -7.77
N MET A 313 8.96 14.10 -7.95
CA MET A 313 9.41 12.94 -8.77
C MET A 313 9.78 13.36 -10.19
N GLN A 314 8.91 14.17 -10.80
CA GLN A 314 9.16 14.69 -12.16
C GLN A 314 10.55 15.34 -12.21
N LYS A 315 10.84 16.17 -11.23
CA LYS A 315 12.10 16.90 -11.13
C LYS A 315 13.29 15.96 -10.93
N GLU A 316 13.14 14.97 -10.04
CA GLU A 316 14.24 14.06 -9.73
C GLU A 316 14.58 13.10 -10.87
N ILE A 317 13.55 12.54 -11.51
CA ILE A 317 13.75 11.60 -12.62
C ILE A 317 14.31 12.34 -13.82
N THR A 318 13.82 13.56 -14.05
CA THR A 318 14.37 14.40 -15.11
C THR A 318 15.88 14.61 -14.93
N ALA A 319 16.32 14.85 -13.70
CA ALA A 319 17.75 15.07 -13.42
C ALA A 319 18.59 13.82 -13.65
N LEU A 320 18.02 12.63 -13.43
CA LEU A 320 18.75 11.38 -13.65
C LEU A 320 18.67 10.89 -15.09
N ALA A 321 17.51 11.03 -15.72
CA ALA A 321 17.26 10.54 -17.08
C ALA A 321 17.96 11.33 -18.19
N PRO A 322 18.19 10.71 -19.36
CA PRO A 322 18.78 11.45 -20.48
C PRO A 322 17.91 12.66 -20.83
N SER A 323 18.56 13.77 -21.20
CA SER A 323 17.88 15.05 -21.42
C SER A 323 16.72 15.07 -22.41
N THR A 324 16.73 14.18 -23.41
CA THR A 324 15.68 14.16 -24.43
C THR A 324 14.46 13.30 -24.06
N MET A 325 14.50 12.66 -22.89
CA MET A 325 13.46 11.71 -22.49
C MET A 325 12.22 12.40 -21.95
N LYS A 326 11.06 11.98 -22.45
CA LYS A 326 9.77 12.47 -22.00
C LYS A 326 9.43 11.74 -20.72
N ILE A 327 9.31 12.49 -19.63
CA ILE A 327 9.00 11.94 -18.32
C ILE A 327 7.59 12.35 -17.94
N LYS A 328 6.81 11.41 -17.43
CA LYS A 328 5.45 11.70 -17.01
C LYS A 328 5.05 10.90 -15.77
N ILE A 329 4.66 11.62 -14.72
CA ILE A 329 4.22 11.05 -13.47
C ILE A 329 2.69 11.16 -13.41
N ILE A 330 2.01 10.02 -13.34
CA ILE A 330 0.56 9.98 -13.19
C ILE A 330 0.23 9.70 -11.73
N ALA A 331 -0.52 10.62 -11.11
CA ALA A 331 -0.93 10.48 -9.71
C ALA A 331 -2.45 10.67 -9.63
N PRO A 332 -3.21 9.59 -9.85
CA PRO A 332 -4.67 9.66 -9.83
C PRO A 332 -5.22 10.04 -8.46
N PRO A 333 -6.31 10.82 -8.42
CA PRO A 333 -6.86 11.23 -7.13
C PRO A 333 -7.39 10.08 -6.25
N GLU A 334 -7.76 8.95 -6.83
CA GLU A 334 -8.27 7.80 -6.07
C GLU A 334 -7.20 6.75 -5.72
N ARG A 335 -5.93 7.15 -5.74
CA ARG A 335 -4.81 6.23 -5.57
C ARG A 335 -4.67 5.57 -4.20
N LYS A 336 -5.44 6.00 -3.20
CA LYS A 336 -5.51 5.27 -1.92
C LYS A 336 -6.08 3.88 -2.17
N TYR A 337 -6.87 3.74 -3.23
CA TYR A 337 -7.59 2.51 -3.55
C TYR A 337 -7.34 1.97 -4.96
N SER A 338 -6.29 2.46 -5.63
CA SER A 338 -5.97 2.03 -6.98
C SER A 338 -5.84 0.52 -7.12
N VAL A 339 -5.17 -0.11 -6.16
CA VAL A 339 -4.97 -1.56 -6.21
C VAL A 339 -6.32 -2.26 -6.23
N TRP A 340 -7.17 -1.91 -5.26
CA TRP A 340 -8.47 -2.56 -5.15
C TRP A 340 -9.28 -2.35 -6.43
N ILE A 341 -9.30 -1.11 -6.90
CA ILE A 341 -10.04 -0.78 -8.12
C ILE A 341 -9.52 -1.58 -9.32
N GLY A 342 -8.21 -1.72 -9.44
CA GLY A 342 -7.64 -2.54 -10.51
C GLY A 342 -8.14 -3.98 -10.46
N GLY A 343 -8.32 -4.49 -9.25
CA GLY A 343 -8.83 -5.83 -9.04
C GLY A 343 -10.31 -5.95 -9.36
N SER A 344 -11.08 -4.95 -8.94
CA SER A 344 -12.52 -4.87 -9.27
C SER A 344 -12.75 -4.89 -10.78
N ILE A 345 -11.87 -4.23 -11.52
CA ILE A 345 -11.98 -4.15 -12.98
C ILE A 345 -11.61 -5.48 -13.61
N LEU A 346 -10.42 -5.99 -13.28
CA LEU A 346 -9.94 -7.27 -13.81
C LEU A 346 -10.98 -8.36 -13.55
N ALA A 347 -11.37 -8.50 -12.29
CA ALA A 347 -12.32 -9.53 -11.88
C ALA A 347 -13.69 -9.40 -12.58
N SER A 348 -14.01 -8.23 -13.12
CA SER A 348 -15.25 -7.98 -13.87
C SER A 348 -15.12 -8.34 -15.34
N LEU A 349 -13.90 -8.32 -15.87
CA LEU A 349 -13.68 -8.53 -17.31
C LEU A 349 -14.10 -9.89 -17.82
N SER A 350 -14.80 -9.88 -18.95
CA SER A 350 -15.21 -11.07 -19.66
C SER A 350 -14.00 -11.97 -19.98
N THR A 351 -12.94 -11.34 -20.48
CA THR A 351 -11.69 -12.02 -20.83
C THR A 351 -11.09 -12.80 -19.66
N PHE A 352 -11.29 -12.29 -18.45
CA PHE A 352 -10.68 -12.82 -17.25
C PHE A 352 -11.35 -14.07 -16.65
N GLN A 353 -12.59 -14.35 -17.05
CA GLN A 353 -13.36 -15.46 -16.43
C GLN A 353 -12.76 -16.85 -16.66
N GLN A 354 -11.91 -17.00 -17.68
CA GLN A 354 -11.20 -18.26 -17.94
C GLN A 354 -9.92 -18.38 -17.09
N MET A 355 -9.50 -17.27 -16.47
CA MET A 355 -8.27 -17.23 -15.67
C MET A 355 -8.44 -17.76 -14.24
N TRP A 356 -9.66 -17.72 -13.71
CA TRP A 356 -9.92 -18.19 -12.34
C TRP A 356 -9.40 -19.61 -12.12
N ILE A 357 -8.75 -19.82 -10.98
CA ILE A 357 -8.31 -21.15 -10.58
C ILE A 357 -9.52 -21.77 -9.87
N THR A 358 -10.08 -22.84 -10.44
CA THR A 358 -11.31 -23.46 -9.88
C THR A 358 -11.01 -24.45 -8.77
N LYS A 359 -12.03 -24.73 -7.96
CA LYS A 359 -11.93 -25.70 -6.88
C LYS A 359 -11.53 -27.06 -7.45
N GLN A 360 -12.18 -27.46 -8.55
CA GLN A 360 -11.87 -28.72 -9.21
C GLN A 360 -10.39 -28.80 -9.62
N GLU A 361 -9.87 -27.71 -10.21
CA GLU A 361 -8.46 -27.65 -10.60
C GLU A 361 -7.55 -27.79 -9.39
N TYR A 362 -7.91 -27.17 -8.27
CA TYR A 362 -7.14 -27.29 -7.03
C TYR A 362 -7.18 -28.73 -6.51
N ASP A 363 -8.36 -29.34 -6.58
CA ASP A 363 -8.52 -30.74 -6.15
C ASP A 363 -7.71 -31.67 -7.07
N GLU A 364 -7.61 -31.29 -8.35
CA GLU A 364 -6.86 -32.08 -9.35
C GLU A 364 -5.36 -31.99 -9.05
N ALA A 365 -4.77 -30.82 -9.23
CA ALA A 365 -3.37 -30.57 -8.93
C ALA A 365 -3.25 -30.14 -7.47
N GLY A 366 -2.14 -29.50 -7.11
CA GLY A 366 -1.97 -29.02 -5.75
C GLY A 366 -2.17 -27.51 -5.67
N PRO A 367 -1.81 -26.92 -4.52
CA PRO A 367 -1.79 -25.47 -4.41
C PRO A 367 -0.86 -24.79 -5.42
N SER A 368 0.10 -25.54 -5.98
CA SER A 368 1.04 -25.00 -6.98
C SER A 368 0.40 -24.63 -8.32
N ILE A 369 -0.88 -24.94 -8.49
CA ILE A 369 -1.63 -24.53 -9.68
C ILE A 369 -1.71 -23.00 -9.76
N VAL A 370 -1.59 -22.35 -8.61
CA VAL A 370 -1.78 -20.90 -8.49
C VAL A 370 -0.72 -20.01 -9.14
N HIS A 371 0.40 -20.58 -9.59
CA HIS A 371 1.50 -19.76 -10.12
C HIS A 371 1.26 -19.11 -11.50
N ARG A 372 0.00 -18.69 -11.71
CA ARG A 372 -0.45 -17.87 -12.84
C ARG A 372 -0.54 -18.67 -14.13
CA CA B . -1.00 -1.98 -0.30
S SO4 C . -1.88 1.82 24.35
O1 SO4 C . -0.85 2.79 24.00
O2 SO4 C . -1.41 1.01 25.47
O3 SO4 C . -3.07 2.61 24.68
O4 SO4 C . -2.11 0.90 23.23
S SO4 D . 1.77 17.17 -6.90
O1 SO4 D . 1.18 17.41 -8.23
O2 SO4 D . 3.19 17.51 -7.02
O3 SO4 D . 1.04 18.01 -5.90
O4 SO4 D . 1.66 15.73 -6.49
PG ATP E . 1.23 -1.79 2.30
O1G ATP E . 1.15 -3.25 2.65
O2G ATP E . 0.86 -1.45 0.87
O3G ATP E . 2.53 -1.12 2.70
PB ATP E . -1.40 -0.66 2.89
O1B ATP E . -1.80 -1.33 1.59
O2B ATP E . -2.22 -0.90 4.12
O3B ATP E . 0.13 -1.08 3.26
PA ATP E . -2.37 1.89 1.97
O1A ATP E . -2.08 2.06 0.49
O2A ATP E . -3.74 1.50 2.45
O3A ATP E . -1.25 0.92 2.63
O5' ATP E . -2.02 3.30 2.63
C5' ATP E . -2.20 3.53 4.01
C4' ATP E . -1.06 4.44 4.45
O4' ATP E . -1.16 5.66 3.72
C3' ATP E . -1.07 4.82 5.93
O3' ATP E . 0.26 4.81 6.45
C2' ATP E . -1.59 6.24 5.96
O2' ATP E . -1.07 7.01 7.04
C1' ATP E . -1.11 6.76 4.62
N9 ATP E . -1.97 7.88 4.16
C8 ATP E . -3.29 7.86 3.95
N7 ATP E . -3.72 9.08 3.53
C5 ATP E . -2.65 9.88 3.46
C6 ATP E . -2.38 11.27 3.11
N6 ATP E . -3.36 12.09 2.72
N1 ATP E . -1.10 11.72 3.18
C2 ATP E . -0.10 10.91 3.55
N3 ATP E . -0.25 9.64 3.89
C4 ATP E . -1.49 9.08 3.87
O5 KAB F . -12.72 4.67 -14.64
C7 KAB F . -11.58 4.57 -13.78
C6 KAB F . -10.34 5.09 -14.49
C5 KAB F . -10.07 4.44 -15.85
C36 KAB F . -8.77 5.03 -16.38
C4 KAB F . -10.02 2.90 -15.72
C3 KAB F . -9.86 2.18 -17.05
O3 KAB F . -11.08 2.26 -17.77
C48 KAB F . -11.09 3.10 -18.95
N1 KAB F . -12.19 3.07 -19.68
O4 KAB F . -10.11 3.79 -19.25
C2 KAB F . -9.63 0.70 -16.81
C1 KAB F . -9.33 -0.06 -18.09
O1 KAB F . -8.71 0.44 -19.01
O2 KAB F . -9.81 -1.42 -18.18
C8 KAB F . -11.85 5.29 -12.45
C37 KAB F . -10.81 4.91 -11.39
C9 KAB F . -13.26 5.06 -11.92
O6 KAB F . -14.20 5.63 -12.84
C47 KAB F . -15.35 6.21 -12.22
C10 KAB F . -13.63 3.64 -11.77
C11 KAB F . -13.87 3.23 -10.47
O7 KAB F . -14.25 1.81 -10.57
N2 KAB F . -13.85 2.64 -12.65
C12 KAB F . -14.20 1.59 -11.90
C13 KAB F . -14.51 0.35 -12.45
C14 KAB F . -14.88 -0.74 -11.67
O8 KAB F . -15.08 -1.82 -12.65
N3 KAB F . -14.47 0.11 -13.76
C15 KAB F . -14.82 -1.19 -13.83
C16 KAB F . -14.89 -1.83 -15.06
N4 KAB F . -14.60 -1.15 -16.17
C17 KAB F . -15.24 -3.16 -15.25
O9 KAB F . -15.13 -3.33 -16.72
C18 KAB F . -14.77 -2.07 -17.14
C19 KAB F . -14.51 -1.67 -18.38
C20 KAB F . -14.16 -1.19 -19.48
C21 KAB F . -13.21 -1.95 -20.37
C22 KAB F . -11.79 -1.40 -20.37
O10 KAB F . -11.47 -0.83 -21.65
C46 KAB F . -10.97 0.51 -21.66
C23 KAB F . -10.82 -2.57 -20.05
C38 KAB F . -10.57 -3.39 -21.33
C24 KAB F . -9.52 -2.15 -19.37
C25 KAB F . -8.76 -3.39 -18.94
C26 KAB F . -7.48 -3.05 -18.20
O11 KAB F . -6.57 -2.50 -19.13
C45 KAB F . -5.96 -1.29 -18.67
C27 KAB F . -6.85 -4.29 -17.55
C39 KAB F . -7.67 -4.78 -16.36
C28 KAB F . -6.63 -5.40 -18.57
C29 KAB F . -5.54 -6.34 -18.05
C30 KAB F . -5.24 -7.48 -19.00
O12 KAB F . -5.75 -7.55 -20.10
C31 KAB F . -4.26 -8.52 -18.54
C40 KAB F . -2.96 -8.34 -19.32
C32 KAB F . -4.84 -9.93 -18.70
O13 KAB F . -6.12 -9.99 -18.05
C44 KAB F . -7.15 -10.48 -18.89
C33 KAB F . -3.91 -10.99 -18.11
C41 KAB F . -4.49 -12.38 -18.36
C34 KAB F . -3.70 -10.80 -16.62
C35 KAB F . -2.47 -10.61 -16.10
N5 KAB F . -2.27 -10.45 -14.84
C43 KAB F . -3.36 -10.50 -13.88
C42 KAB F . -1.15 -10.24 -14.42
O14 KAB F . -0.17 -10.08 -13.86
#